data_3M33
#
_entry.id   3M33
#
_cell.length_a   104.579
_cell.length_b   104.579
_cell.length_c   125.880
_cell.angle_alpha   90.00
_cell.angle_beta   90.00
_cell.angle_gamma   120.00
#
_symmetry.space_group_name_H-M   'P 62'
#
loop_
_entity.id
_entity.type
_entity.pdbx_description
1 polymer 'Uncharacterized protein'
2 non-polymer 'CHLORIDE ION'
3 non-polymer 'SULFATE ION'
4 non-polymer GLYCEROL
5 water water
#
_entity_poly.entity_id   1
_entity_poly.type   'polypeptide(L)'
_entity_poly.pdbx_seq_one_letter_code
;SNA(MSE)NHSRESYDRLARELGGYRHPWARVLSGPDPELTFDLWLSRLLTPQTRVLEAGCGHGPDAARFGPQAARWAAY
DFSPELLKLARANAPHADVYEWNGKGELPAGLGAPFGLIVSRRGPTSVILRLPELAAPDAHFLYVGPRLNVPEVPERLAA
VGWDIVAEDHVSVLAHAPTWEDWQ(MSE)RGEF(MSE)GKLARRADWDAEATVRG(MSE)PYREERHLVLARQLGVARKL
GA
;
_entity_poly.pdbx_strand_id   A,B
#
loop_
_chem_comp.id
_chem_comp.type
_chem_comp.name
_chem_comp.formula
CL non-polymer 'CHLORIDE ION' 'Cl -1'
GOL non-polymer GLYCEROL 'C3 H8 O3'
SO4 non-polymer 'SULFATE ION' 'O4 S -2'
#
# COMPACT_ATOMS: atom_id res chain seq x y z
N ARG A 8 -16.00 18.28 -9.03
CA ARG A 8 -14.96 19.23 -9.46
C ARG A 8 -13.95 18.54 -10.37
N GLU A 9 -13.23 19.34 -11.16
CA GLU A 9 -12.22 18.82 -12.07
C GLU A 9 -10.94 18.53 -11.30
N SER A 10 -10.76 19.23 -10.18
CA SER A 10 -9.59 19.03 -9.33
C SER A 10 -9.60 17.63 -8.72
N TYR A 11 -10.81 17.07 -8.58
CA TYR A 11 -10.96 15.71 -8.06
C TYR A 11 -10.63 14.65 -9.10
N ASP A 12 -11.14 14.83 -10.31
CA ASP A 12 -10.86 13.90 -11.39
C ASP A 12 -9.36 13.75 -11.59
N ARG A 13 -8.66 14.87 -11.73
CA ARG A 13 -7.21 14.86 -11.90
C ARG A 13 -6.57 14.04 -10.78
N LEU A 14 -6.88 14.41 -9.55
CA LEU A 14 -6.35 13.71 -8.38
C LEU A 14 -6.59 12.21 -8.52
N ALA A 15 -7.84 11.87 -8.84
CA ALA A 15 -8.25 10.46 -8.99
C ALA A 15 -7.50 9.75 -10.13
N ARG A 16 -7.40 10.40 -11.28
CA ARG A 16 -6.62 9.84 -12.38
C ARG A 16 -5.21 9.60 -11.88
N GLU A 17 -4.68 10.56 -11.13
CA GLU A 17 -3.28 10.48 -10.70
C GLU A 17 -3.02 9.42 -9.64
N LEU A 18 -3.82 9.40 -8.56
CA LEU A 18 -3.62 8.38 -7.55
C LEU A 18 -3.93 7.00 -8.14
N GLY A 19 -4.79 6.96 -9.14
CA GLY A 19 -5.21 5.71 -9.75
C GLY A 19 -4.41 5.26 -10.98
N GLY A 20 -3.40 6.05 -11.34
CA GLY A 20 -2.64 5.83 -12.56
C GLY A 20 -2.16 4.41 -12.85
N TYR A 21 -1.85 3.65 -11.81
CA TYR A 21 -1.32 2.29 -11.97
C TYR A 21 -2.33 1.21 -11.55
N ARG A 22 -3.62 1.57 -11.50
CA ARG A 22 -4.67 0.60 -11.20
C ARG A 22 -5.77 0.59 -12.28
N HIS A 23 -6.62 -0.43 -12.23
CA HIS A 23 -7.83 -0.43 -13.03
C HIS A 23 -8.86 0.48 -12.33
N PRO A 24 -9.50 1.40 -13.09
CA PRO A 24 -10.36 2.49 -12.59
C PRO A 24 -11.78 2.08 -12.19
N TRP A 25 -12.22 0.91 -12.63
CA TRP A 25 -13.58 0.46 -12.38
C TRP A 25 -13.69 -0.30 -11.06
N ALA A 26 -14.89 -0.34 -10.49
CA ALA A 26 -15.16 -1.15 -9.32
C ALA A 26 -15.13 -2.62 -9.72
N ARG A 27 -14.53 -3.46 -8.87
CA ARG A 27 -14.42 -4.89 -9.15
C ARG A 27 -14.27 -5.66 -7.86
N VAL A 28 -14.82 -6.88 -7.83
CA VAL A 28 -14.65 -7.80 -6.71
C VAL A 28 -13.90 -9.05 -7.20
N LEU A 29 -12.81 -9.41 -6.53
CA LEU A 29 -12.05 -10.60 -6.88
C LEU A 29 -12.76 -11.85 -6.35
N SER A 30 -12.91 -12.88 -7.18
CA SER A 30 -13.42 -14.16 -6.71
C SER A 30 -12.29 -15.04 -6.17
N GLY A 31 -11.04 -14.68 -6.46
CA GLY A 31 -9.91 -15.41 -5.92
C GLY A 31 -8.82 -14.46 -5.41
N PRO A 32 -7.65 -15.00 -5.01
CA PRO A 32 -6.54 -14.23 -4.42
C PRO A 32 -6.07 -13.10 -5.35
N ASP A 33 -5.75 -11.96 -4.78
CA ASP A 33 -5.24 -10.82 -5.56
C ASP A 33 -4.10 -11.30 -6.41
N PRO A 34 -4.12 -11.02 -7.72
CA PRO A 34 -3.09 -11.57 -8.59
C PRO A 34 -1.73 -10.89 -8.45
N GLU A 35 -1.60 -9.88 -7.58
CA GLU A 35 -0.28 -9.28 -7.33
C GLU A 35 0.34 -9.72 -6.01
N LEU A 36 -0.31 -10.64 -5.29
CA LEU A 36 0.27 -11.13 -4.03
C LEU A 36 1.67 -11.72 -4.22
N THR A 37 1.88 -12.42 -5.34
CA THR A 37 3.15 -13.11 -5.55
C THR A 37 4.24 -12.08 -5.77
N PHE A 38 3.89 -11.00 -6.46
CA PHE A 38 4.83 -9.91 -6.70
C PHE A 38 5.27 -9.29 -5.37
N ASP A 39 4.32 -9.07 -4.45
CA ASP A 39 4.66 -8.53 -3.14
C ASP A 39 5.60 -9.46 -2.40
N LEU A 40 5.30 -10.76 -2.42
CA LEU A 40 6.17 -11.75 -1.78
C LEU A 40 7.58 -11.74 -2.38
N TRP A 41 7.68 -11.73 -3.70
CA TRP A 41 8.99 -11.76 -4.35
C TRP A 41 9.77 -10.49 -3.99
N LEU A 42 9.08 -9.35 -4.00
CA LEU A 42 9.74 -8.09 -3.71
C LEU A 42 10.27 -8.10 -2.28
N SER A 43 9.43 -8.52 -1.36
CA SER A 43 9.82 -8.57 0.04
C SER A 43 11.07 -9.45 0.25
N ARG A 44 11.14 -10.60 -0.42
CA ARG A 44 12.29 -11.49 -0.28
C ARG A 44 13.58 -10.85 -0.77
N LEU A 45 13.47 -9.96 -1.76
CA LEU A 45 14.64 -9.31 -2.36
C LEU A 45 15.21 -8.11 -1.59
N LEU A 46 14.52 -7.64 -0.56
CA LEU A 46 14.95 -6.41 0.12
C LEU A 46 15.78 -6.72 1.38
N THR A 47 16.95 -6.11 1.49
CA THR A 47 17.76 -6.20 2.70
C THR A 47 18.23 -4.80 3.07
N PRO A 48 18.71 -4.62 4.31
CA PRO A 48 19.18 -3.29 4.74
C PRO A 48 20.43 -2.83 3.97
N GLN A 49 20.95 -3.68 3.08
CA GLN A 49 22.04 -3.26 2.20
C GLN A 49 21.56 -2.94 0.77
N THR A 50 20.30 -3.22 0.45
CA THR A 50 19.84 -3.10 -0.94
C THR A 50 19.57 -1.65 -1.38
N ARG A 51 20.17 -1.25 -2.50
CA ARG A 51 19.86 0.02 -3.15
C ARG A 51 18.81 -0.19 -4.24
N VAL A 52 17.67 0.46 -4.07
CA VAL A 52 16.54 0.23 -4.95
C VAL A 52 16.28 1.42 -5.86
N LEU A 53 15.96 1.15 -7.11
CA LEU A 53 15.41 2.12 -8.03
C LEU A 53 14.01 1.67 -8.45
N GLU A 54 13.01 2.51 -8.20
CA GLU A 54 11.65 2.20 -8.61
C GLU A 54 11.22 3.10 -9.76
N ALA A 55 10.88 2.49 -10.88
CA ALA A 55 10.37 3.23 -12.03
C ALA A 55 8.86 3.43 -11.93
N GLY A 56 8.42 4.68 -12.08
CA GLY A 56 7.01 5.02 -12.07
C GLY A 56 6.39 4.92 -10.69
N CYS A 57 6.90 5.70 -9.73
CA CYS A 57 6.49 5.51 -8.32
C CYS A 57 5.12 6.11 -8.01
N GLY A 58 4.55 6.90 -8.92
CA GLY A 58 3.27 7.51 -8.62
C GLY A 58 3.33 8.30 -7.31
N HIS A 59 2.36 8.10 -6.43
CA HIS A 59 2.31 8.86 -5.17
C HIS A 59 3.05 8.15 -4.03
N GLY A 60 3.94 7.22 -4.38
CA GLY A 60 4.79 6.53 -3.42
C GLY A 60 4.23 5.36 -2.61
N PRO A 61 3.21 4.66 -3.11
CA PRO A 61 2.70 3.63 -2.21
C PRO A 61 3.76 2.57 -1.93
N ASP A 62 4.53 2.17 -2.92
CA ASP A 62 5.53 1.14 -2.68
C ASP A 62 6.75 1.70 -1.96
N ALA A 63 7.14 2.92 -2.29
CA ALA A 63 8.22 3.57 -1.57
C ALA A 63 7.89 3.57 -0.07
N ALA A 64 6.65 3.89 0.26
CA ALA A 64 6.27 4.02 1.66
C ALA A 64 6.22 2.66 2.31
N ARG A 65 5.67 1.70 1.60
CA ARG A 65 5.44 0.40 2.18
C ARG A 65 6.69 -0.53 2.24
N PHE A 66 7.54 -0.48 1.21
CA PHE A 66 8.71 -1.38 1.15
C PHE A 66 10.02 -0.64 1.34
N GLY A 67 9.98 0.66 1.07
CA GLY A 67 11.15 1.52 1.16
C GLY A 67 11.99 1.43 2.42
N PRO A 68 11.36 1.41 3.60
CA PRO A 68 12.18 1.38 4.81
C PRO A 68 12.99 0.08 4.97
N GLN A 69 12.66 -0.93 4.19
CA GLN A 69 13.33 -2.23 4.34
C GLN A 69 14.64 -2.24 3.58
N ALA A 70 14.82 -1.25 2.72
CA ALA A 70 16.04 -1.15 1.89
C ALA A 70 17.05 -0.13 2.45
N ALA A 71 18.29 -0.18 1.98
CA ALA A 71 19.29 0.80 2.36
C ALA A 71 18.93 2.16 1.79
N ARG A 72 18.43 2.15 0.55
CA ARG A 72 18.02 3.38 -0.14
C ARG A 72 16.91 3.00 -1.14
N TRP A 73 15.86 3.79 -1.20
CA TRP A 73 14.81 3.60 -2.20
C TRP A 73 14.75 4.85 -3.06
N ALA A 74 15.38 4.80 -4.22
CA ALA A 74 15.27 5.91 -5.17
C ALA A 74 14.06 5.62 -6.06
N ALA A 75 13.33 6.65 -6.46
CA ALA A 75 12.09 6.46 -7.20
C ALA A 75 11.84 7.63 -8.15
N TYR A 76 11.22 7.38 -9.30
CA TYR A 76 10.87 8.49 -10.18
C TYR A 76 9.54 8.39 -10.87
N ASP A 77 8.95 9.53 -11.16
CA ASP A 77 7.80 9.62 -12.05
C ASP A 77 7.76 10.98 -12.73
N PHE A 78 6.79 11.16 -13.63
CA PHE A 78 6.73 12.37 -14.45
C PHE A 78 6.04 13.56 -13.78
N SER A 79 4.87 13.32 -13.19
CA SER A 79 4.04 14.40 -12.64
C SER A 79 4.62 15.06 -11.39
N PRO A 80 4.93 16.36 -11.48
CA PRO A 80 5.55 17.09 -10.37
C PRO A 80 4.67 17.11 -9.12
N GLU A 81 3.38 17.33 -9.29
CA GLU A 81 2.50 17.44 -8.14
C GLU A 81 2.38 16.07 -7.46
N LEU A 82 2.17 15.04 -8.28
CA LEU A 82 2.13 13.68 -7.79
C LEU A 82 3.39 13.35 -6.97
N LEU A 83 4.55 13.78 -7.45
CA LEU A 83 5.79 13.56 -6.70
C LEU A 83 5.79 14.25 -5.33
N LYS A 84 5.10 15.38 -5.20
CA LYS A 84 4.94 16.01 -3.89
C LYS A 84 4.29 15.07 -2.87
N LEU A 85 3.22 14.39 -3.28
CA LEU A 85 2.60 13.36 -2.45
C LEU A 85 3.56 12.22 -2.16
N ALA A 86 4.33 11.83 -3.17
CA ALA A 86 5.26 10.72 -2.94
C ALA A 86 6.31 11.08 -1.88
N ARG A 87 6.84 12.30 -1.95
CA ARG A 87 7.85 12.71 -0.96
C ARG A 87 7.29 12.71 0.46
N ALA A 88 6.08 13.23 0.63
CA ALA A 88 5.37 13.20 1.91
C ALA A 88 5.01 11.78 2.37
N ASN A 89 4.59 10.93 1.43
CA ASN A 89 4.20 9.57 1.73
C ASN A 89 5.42 8.76 2.19
N ALA A 90 6.58 9.05 1.61
CA ALA A 90 7.79 8.31 1.94
C ALA A 90 9.02 9.19 2.15
N PRO A 91 9.19 9.71 3.38
CA PRO A 91 10.26 10.65 3.72
C PRO A 91 11.65 10.07 3.53
N HIS A 92 11.77 8.76 3.68
CA HIS A 92 13.05 8.09 3.49
C HIS A 92 13.43 8.00 2.01
N ALA A 93 12.46 8.12 1.11
CA ALA A 93 12.74 7.88 -0.31
C ALA A 93 13.40 9.08 -0.99
N ASP A 94 14.22 8.80 -2.00
CA ASP A 94 14.74 9.85 -2.86
C ASP A 94 13.93 9.88 -4.15
N VAL A 95 13.17 10.95 -4.36
CA VAL A 95 12.19 10.99 -5.46
C VAL A 95 12.60 11.98 -6.54
N TYR A 96 12.57 11.55 -7.78
CA TYR A 96 13.06 12.32 -8.92
C TYR A 96 11.99 12.48 -10.00
N GLU A 97 12.00 13.65 -10.65
CA GLU A 97 11.08 13.96 -11.72
C GLU A 97 11.76 13.59 -13.02
N TRP A 98 11.24 12.58 -13.70
CA TRP A 98 11.88 12.08 -14.90
C TRP A 98 10.86 11.39 -15.79
N ASN A 99 10.99 11.58 -17.10
CA ASN A 99 10.13 10.90 -18.05
C ASN A 99 10.77 9.61 -18.55
N GLY A 100 11.87 9.20 -17.92
CA GLY A 100 12.53 7.97 -18.30
C GLY A 100 13.37 8.04 -19.58
N LYS A 101 13.51 9.23 -20.16
CA LYS A 101 14.25 9.38 -21.42
C LYS A 101 15.46 10.28 -21.31
N GLY A 102 16.38 10.14 -22.26
CA GLY A 102 17.56 10.99 -22.28
C GLY A 102 18.48 10.64 -21.12
N GLU A 103 19.26 11.61 -20.66
CA GLU A 103 20.21 11.34 -19.59
C GLU A 103 19.53 11.10 -18.25
N LEU A 104 20.21 10.34 -17.39
CA LEU A 104 19.68 10.05 -16.06
C LEU A 104 19.62 11.34 -15.26
N PRO A 105 18.59 11.47 -14.41
CA PRO A 105 18.50 12.61 -13.50
C PRO A 105 19.80 12.76 -12.74
N ALA A 106 20.24 13.99 -12.57
CA ALA A 106 21.43 14.26 -11.80
C ALA A 106 21.19 13.80 -10.38
N GLY A 107 22.14 13.10 -9.80
CA GLY A 107 22.01 12.66 -8.43
C GLY A 107 21.27 11.36 -8.23
N LEU A 108 20.88 10.70 -9.32
CA LEU A 108 20.07 9.48 -9.23
C LEU A 108 20.71 8.48 -8.27
N GLY A 109 22.01 8.26 -8.42
CA GLY A 109 22.74 7.43 -7.48
C GLY A 109 22.96 5.98 -7.88
N ALA A 110 22.87 5.67 -9.18
CA ALA A 110 23.30 4.36 -9.67
C ALA A 110 24.69 4.06 -9.12
N PRO A 111 25.06 2.78 -8.98
CA PRO A 111 24.32 1.60 -9.44
C PRO A 111 23.35 1.08 -8.38
N PHE A 112 22.38 0.28 -8.81
CA PHE A 112 21.36 -0.25 -7.91
C PHE A 112 21.38 -1.77 -7.88
N GLY A 113 21.02 -2.36 -6.75
CA GLY A 113 20.93 -3.81 -6.66
C GLY A 113 19.55 -4.32 -7.05
N LEU A 114 18.57 -3.44 -7.06
CA LEU A 114 17.22 -3.81 -7.49
C LEU A 114 16.57 -2.68 -8.30
N ILE A 115 16.01 -3.03 -9.45
CA ILE A 115 15.22 -2.09 -10.22
C ILE A 115 13.83 -2.69 -10.27
N VAL A 116 12.85 -1.96 -9.80
CA VAL A 116 11.52 -2.52 -9.66
C VAL A 116 10.47 -1.66 -10.37
N SER A 117 9.44 -2.31 -10.92
CA SER A 117 8.36 -1.57 -11.56
C SER A 117 7.04 -2.30 -11.42
N ARG A 118 6.10 -1.69 -10.70
CA ARG A 118 4.78 -2.29 -10.59
C ARG A 118 3.88 -1.67 -11.65
N ARG A 119 3.73 -2.37 -12.78
CA ARG A 119 2.88 -1.87 -13.87
C ARG A 119 3.35 -0.53 -14.40
N GLY A 120 4.65 -0.29 -14.27
CA GLY A 120 5.24 0.98 -14.63
C GLY A 120 5.95 0.89 -15.97
N PRO A 121 6.88 1.81 -16.23
CA PRO A 121 7.66 1.84 -17.48
C PRO A 121 8.42 0.53 -17.71
N THR A 122 8.53 0.11 -18.96
CA THR A 122 9.34 -1.06 -19.28
C THR A 122 10.55 -0.64 -20.10
N SER A 123 10.58 0.62 -20.53
CA SER A 123 11.74 1.12 -21.26
C SER A 123 12.94 1.19 -20.35
N VAL A 124 12.72 1.21 -19.04
CA VAL A 124 13.83 1.27 -18.10
C VAL A 124 14.74 0.05 -18.28
N ILE A 125 14.19 -1.03 -18.82
CA ILE A 125 14.95 -2.26 -19.05
C ILE A 125 16.16 -1.96 -19.93
N LEU A 126 15.97 -1.09 -20.92
CA LEU A 126 17.03 -0.79 -21.86
C LEU A 126 18.12 0.08 -21.23
N ARG A 127 17.84 0.66 -20.06
CA ARG A 127 18.87 1.42 -19.34
C ARG A 127 19.56 0.59 -18.25
N LEU A 128 19.22 -0.70 -18.13
CA LEU A 128 19.81 -1.54 -17.07
C LEU A 128 21.35 -1.55 -17.07
N PRO A 129 21.97 -1.60 -18.26
CA PRO A 129 23.44 -1.53 -18.28
C PRO A 129 23.96 -0.26 -17.58
N GLU A 130 23.22 0.83 -17.60
CA GLU A 130 23.67 2.05 -16.91
C GLU A 130 23.25 2.11 -15.44
N LEU A 131 22.27 1.31 -15.06
CA LEU A 131 21.63 1.46 -13.75
C LEU A 131 22.00 0.37 -12.75
N ALA A 132 22.31 -0.83 -13.25
CA ALA A 132 22.46 -2.00 -12.39
C ALA A 132 23.87 -2.29 -11.92
N ALA A 133 24.00 -2.54 -10.61
CA ALA A 133 25.23 -3.13 -10.07
C ALA A 133 25.30 -4.55 -10.59
N PRO A 134 26.48 -5.19 -10.51
CA PRO A 134 26.58 -6.59 -10.88
C PRO A 134 25.73 -7.44 -9.93
N ASP A 135 25.03 -8.45 -10.47
CA ASP A 135 24.15 -9.27 -9.65
C ASP A 135 22.88 -8.56 -9.19
N ALA A 136 22.55 -7.43 -9.82
CA ALA A 136 21.28 -6.76 -9.56
C ALA A 136 20.14 -7.61 -10.11
N HIS A 137 18.94 -7.43 -9.55
CA HIS A 137 17.72 -8.03 -10.10
C HIS A 137 16.84 -6.93 -10.72
N PHE A 138 16.04 -7.31 -11.70
CA PHE A 138 14.99 -6.43 -12.20
C PHE A 138 13.67 -7.13 -11.89
N LEU A 139 12.74 -6.44 -11.26
CA LEU A 139 11.49 -7.06 -10.87
C LEU A 139 10.30 -6.26 -11.46
N TYR A 140 9.40 -6.95 -12.14
CA TYR A 140 8.28 -6.29 -12.82
C TYR A 140 6.98 -7.08 -12.71
N VAL A 141 5.85 -6.38 -12.60
CA VAL A 141 4.56 -7.02 -12.81
C VAL A 141 3.75 -6.17 -13.78
N GLY A 142 3.19 -6.80 -14.81
CA GLY A 142 2.47 -6.07 -15.85
C GLY A 142 1.00 -6.32 -15.70
N PRO A 143 0.15 -5.43 -16.26
CA PRO A 143 -1.28 -5.49 -15.99
C PRO A 143 -2.04 -6.42 -16.94
N ARG A 144 -1.33 -7.33 -17.61
CA ARG A 144 -1.97 -8.27 -18.54
C ARG A 144 -1.26 -9.59 -18.39
N LEU A 145 -1.87 -10.64 -18.95
CA LEU A 145 -1.35 -12.01 -18.80
C LEU A 145 0.06 -12.14 -19.35
N ASN A 146 0.35 -11.43 -20.43
CA ASN A 146 1.67 -11.48 -21.05
C ASN A 146 2.02 -10.11 -21.64
N VAL A 147 3.19 -9.60 -21.27
CA VAL A 147 3.67 -8.32 -21.78
C VAL A 147 4.96 -8.61 -22.57
N PRO A 148 4.82 -8.91 -23.87
CA PRO A 148 5.91 -9.41 -24.70
C PRO A 148 7.19 -8.57 -24.67
N GLU A 149 7.06 -7.24 -24.60
CA GLU A 149 8.22 -6.35 -24.64
C GLU A 149 9.20 -6.58 -23.52
N VAL A 150 8.74 -7.09 -22.39
CA VAL A 150 9.62 -7.22 -21.23
C VAL A 150 10.70 -8.28 -21.49
N PRO A 151 10.28 -9.51 -21.81
CA PRO A 151 11.28 -10.54 -22.19
C PRO A 151 12.13 -10.10 -23.39
N GLU A 152 11.53 -9.50 -24.42
CA GLU A 152 12.29 -9.01 -25.58
C GLU A 152 13.33 -7.99 -25.15
N ARG A 153 12.93 -7.02 -24.34
CA ARG A 153 13.88 -5.99 -23.94
C ARG A 153 14.98 -6.53 -23.05
N LEU A 154 14.64 -7.50 -22.20
CA LEU A 154 15.63 -8.11 -21.33
C LEU A 154 16.63 -8.94 -22.18
N ALA A 155 16.12 -9.65 -23.18
CA ALA A 155 17.02 -10.35 -24.12
C ALA A 155 17.95 -9.33 -24.78
N ALA A 156 17.40 -8.21 -25.20
CA ALA A 156 18.20 -7.21 -25.91
C ALA A 156 19.38 -6.66 -25.08
N VAL A 157 19.26 -6.64 -23.76
CA VAL A 157 20.39 -6.17 -22.96
C VAL A 157 21.16 -7.33 -22.31
N GLY A 158 20.90 -8.55 -22.77
CA GLY A 158 21.62 -9.72 -22.29
C GLY A 158 21.31 -10.10 -20.85
N TRP A 159 20.08 -9.89 -20.41
CA TRP A 159 19.64 -10.30 -19.07
C TRP A 159 18.87 -11.62 -19.10
N ASP A 160 18.95 -12.40 -18.02
CA ASP A 160 18.25 -13.67 -17.93
C ASP A 160 17.01 -13.58 -17.06
N ILE A 161 15.94 -14.24 -17.49
CA ILE A 161 14.76 -14.36 -16.63
C ILE A 161 15.01 -15.49 -15.64
N VAL A 162 14.87 -15.22 -14.35
CA VAL A 162 15.04 -16.28 -13.37
C VAL A 162 13.70 -16.76 -12.80
N ALA A 163 12.65 -15.96 -12.92
CA ALA A 163 11.33 -16.38 -12.48
C ALA A 163 10.27 -15.66 -13.28
N GLU A 164 9.20 -16.38 -13.62
CA GLU A 164 8.15 -15.81 -14.43
C GLU A 164 6.83 -16.46 -14.10
N ASP A 165 5.79 -15.63 -13.94
CA ASP A 165 4.45 -16.09 -13.57
C ASP A 165 3.42 -15.48 -14.49
N HIS A 166 2.49 -16.29 -15.00
CA HIS A 166 1.34 -15.80 -15.75
C HIS A 166 0.13 -16.10 -14.91
N VAL A 167 -0.45 -15.06 -14.33
CA VAL A 167 -1.49 -15.18 -13.31
C VAL A 167 -2.82 -14.67 -13.84
N SER A 168 -3.90 -15.35 -13.45
CA SER A 168 -5.23 -15.00 -13.95
C SER A 168 -6.25 -15.28 -12.85
N VAL A 169 -7.08 -14.31 -12.51
CA VAL A 169 -8.04 -14.46 -11.41
C VAL A 169 -9.43 -13.97 -11.82
N LEU A 170 -10.45 -14.77 -11.54
CA LEU A 170 -11.81 -14.38 -11.87
C LEU A 170 -12.20 -13.14 -11.07
N ALA A 171 -12.75 -12.13 -11.75
CA ALA A 171 -13.33 -10.99 -11.06
C ALA A 171 -14.67 -10.64 -11.68
N HIS A 172 -15.45 -9.79 -11.01
CA HIS A 172 -16.69 -9.26 -11.59
C HIS A 172 -16.72 -7.75 -11.53
N ALA A 173 -17.19 -7.13 -12.60
CA ALA A 173 -17.57 -5.71 -12.57
C ALA A 173 -19.03 -5.67 -12.09
N PRO A 174 -19.28 -5.04 -10.94
CA PRO A 174 -20.58 -5.21 -10.27
C PRO A 174 -21.74 -4.54 -11.02
N THR A 175 -21.47 -3.53 -11.83
CA THR A 175 -22.55 -2.85 -12.54
C THR A 175 -22.21 -2.51 -13.99
N TRP A 176 -23.25 -2.25 -14.76
CA TRP A 176 -23.12 -1.86 -16.17
C TRP A 176 -22.14 -0.69 -16.31
N GLU A 177 -22.26 0.29 -15.43
CA GLU A 177 -21.35 1.44 -15.49
C GLU A 177 -19.90 0.99 -15.35
N ASP A 178 -19.68 0.06 -14.42
CA ASP A 178 -18.33 -0.46 -14.21
C ASP A 178 -17.85 -1.25 -15.43
N TRP A 179 -18.74 -2.03 -16.03
CA TRP A 179 -18.40 -2.79 -17.23
C TRP A 179 -17.99 -1.86 -18.36
N GLN A 180 -18.74 -0.76 -18.49
CA GLN A 180 -18.50 0.27 -19.51
C GLN A 180 -17.15 0.91 -19.33
N MSE A 181 -16.86 1.28 -18.08
CA MSE A 181 -15.60 1.93 -17.74
C MSE A 181 -14.41 1.01 -18.05
O MSE A 181 -13.39 1.48 -18.55
CB MSE A 181 -15.59 2.35 -16.28
CG MSE A 181 -14.42 3.24 -15.92
SE MSE A 181 -14.51 3.77 -14.05
CE MSE A 181 -16.42 4.23 -13.96
N ARG A 182 -14.54 -0.27 -17.76
CA ARG A 182 -13.51 -1.23 -18.14
C ARG A 182 -13.32 -1.27 -19.67
N GLY A 183 -14.44 -1.26 -20.39
CA GLY A 183 -14.43 -1.25 -21.84
C GLY A 183 -13.62 -0.09 -22.40
N GLU A 184 -13.77 1.07 -21.78
CA GLU A 184 -13.04 2.26 -22.21
C GLU A 184 -11.56 2.11 -21.93
N PHE A 185 -11.22 1.67 -20.72
CA PHE A 185 -9.82 1.47 -20.32
C PHE A 185 -9.14 0.46 -21.23
N MSE A 186 -9.92 -0.53 -21.68
CA MSE A 186 -9.40 -1.59 -22.53
C MSE A 186 -9.42 -1.27 -24.02
O MSE A 186 -8.78 -1.95 -24.82
CB MSE A 186 -10.20 -2.85 -22.27
CG MSE A 186 -10.21 -3.21 -20.80
SE MSE A 186 -8.74 -4.37 -20.36
CE MSE A 186 -9.59 -5.91 -21.23
N GLY A 187 -10.16 -0.23 -24.40
CA GLY A 187 -10.31 0.12 -25.80
C GLY A 187 -11.22 -0.83 -26.54
N LYS A 188 -12.00 -1.60 -25.79
CA LYS A 188 -13.04 -2.44 -26.36
C LYS A 188 -14.37 -1.94 -25.83
N LEU A 189 -15.17 -1.33 -26.69
CA LEU A 189 -16.46 -0.78 -26.31
C LEU A 189 -17.39 -1.83 -25.68
N ALA A 190 -17.90 -1.51 -24.49
CA ALA A 190 -18.85 -2.41 -23.84
C ALA A 190 -20.21 -2.31 -24.54
N ARG A 191 -20.88 -3.45 -24.68
CA ARG A 191 -22.19 -3.45 -25.32
C ARG A 191 -23.27 -4.02 -24.40
N ARG A 192 -24.36 -3.28 -24.26
CA ARG A 192 -25.45 -3.67 -23.38
C ARG A 192 -25.91 -5.11 -23.64
N ALA A 193 -25.79 -5.56 -24.88
CA ALA A 193 -26.17 -6.92 -25.24
C ALA A 193 -25.43 -7.96 -24.41
N ASP A 194 -24.11 -7.84 -24.36
CA ASP A 194 -23.29 -8.77 -23.58
C ASP A 194 -23.63 -8.71 -22.09
N TRP A 195 -23.91 -7.51 -21.60
CA TRP A 195 -24.29 -7.34 -20.21
C TRP A 195 -25.62 -8.03 -19.97
N ASP A 196 -26.63 -7.65 -20.78
CA ASP A 196 -28.00 -8.17 -20.65
C ASP A 196 -28.09 -9.68 -20.74
N ALA A 197 -27.12 -10.31 -21.40
CA ALA A 197 -27.16 -11.74 -21.63
C ALA A 197 -26.20 -12.54 -20.77
N GLU A 198 -25.19 -11.89 -20.20
CA GLU A 198 -24.15 -12.65 -19.53
C GLU A 198 -23.90 -12.23 -18.07
N ALA A 199 -24.42 -11.07 -17.68
CA ALA A 199 -24.25 -10.57 -16.33
C ALA A 199 -25.04 -11.43 -15.35
N THR A 200 -24.43 -11.79 -14.24
CA THR A 200 -25.17 -12.48 -13.18
C THR A 200 -25.49 -11.52 -12.05
N VAL A 201 -25.88 -12.06 -10.90
CA VAL A 201 -26.13 -11.23 -9.74
C VAL A 201 -24.82 -10.56 -9.30
N ARG A 202 -23.72 -11.28 -9.46
CA ARG A 202 -22.40 -10.74 -9.14
C ARG A 202 -21.99 -9.64 -10.12
N GLY A 203 -22.68 -9.54 -11.25
CA GLY A 203 -22.30 -8.61 -12.29
C GLY A 203 -21.62 -9.30 -13.46
N MSE A 204 -20.74 -8.59 -14.16
CA MSE A 204 -20.07 -9.15 -15.33
C MSE A 204 -18.71 -9.78 -15.00
O MSE A 204 -17.84 -9.11 -14.44
CB MSE A 204 -19.88 -8.07 -16.38
CG MSE A 204 -19.51 -8.63 -17.74
SE MSE A 204 -21.02 -9.55 -18.57
CE MSE A 204 -20.03 -10.32 -20.07
N PRO A 205 -18.52 -11.05 -15.39
CA PRO A 205 -17.30 -11.82 -15.11
C PRO A 205 -16.17 -11.55 -16.13
N TYR A 206 -14.94 -11.43 -15.64
CA TYR A 206 -13.79 -11.26 -16.52
C TYR A 206 -12.56 -11.71 -15.72
N ARG A 207 -11.39 -11.74 -16.35
CA ARG A 207 -10.20 -12.18 -15.66
C ARG A 207 -9.28 -11.00 -15.35
N GLU A 208 -8.83 -10.89 -14.12
CA GLU A 208 -7.75 -9.96 -13.83
C GLU A 208 -6.46 -10.75 -14.05
N GLU A 209 -5.60 -10.29 -14.94
CA GLU A 209 -4.42 -11.07 -15.28
C GLU A 209 -3.13 -10.29 -15.10
N ARG A 210 -2.06 -10.96 -14.70
CA ARG A 210 -0.79 -10.29 -14.46
C ARG A 210 0.38 -11.12 -15.00
N HIS A 211 1.45 -10.45 -15.39
CA HIS A 211 2.65 -11.11 -15.87
C HIS A 211 3.82 -10.69 -14.98
N LEU A 212 4.31 -11.60 -14.14
CA LEU A 212 5.42 -11.28 -13.24
C LEU A 212 6.73 -11.74 -13.83
N VAL A 213 7.76 -10.89 -13.73
CA VAL A 213 9.06 -11.23 -14.28
C VAL A 213 10.15 -10.80 -13.30
N LEU A 214 10.99 -11.75 -12.93
CA LEU A 214 12.21 -11.43 -12.18
C LEU A 214 13.37 -11.81 -13.08
N ALA A 215 14.29 -10.89 -13.28
CA ALA A 215 15.42 -11.12 -14.18
C ALA A 215 16.73 -10.69 -13.53
N ARG A 216 17.84 -11.19 -14.07
CA ARG A 216 19.14 -10.77 -13.59
C ARG A 216 20.17 -11.11 -14.66
N GLN A 217 21.30 -10.43 -14.67
CA GLN A 217 22.33 -10.82 -15.62
C GLN A 217 23.25 -11.83 -14.98
N LEU A 218 23.12 -13.09 -15.42
CA LEU A 218 23.95 -14.17 -14.91
C LEU A 218 25.27 -14.20 -15.69
N SER B 10 -2.42 22.68 -7.23
CA SER B 10 -1.34 22.43 -6.27
C SER B 10 -1.70 21.40 -5.21
N TYR B 11 -0.79 20.46 -4.98
CA TYR B 11 -0.99 19.41 -3.98
C TYR B 11 -0.26 19.74 -2.67
N ASP B 12 0.17 21.00 -2.54
CA ASP B 12 0.94 21.46 -1.38
C ASP B 12 0.25 21.14 -0.04
N ARG B 13 -1.05 21.42 0.03
CA ARG B 13 -1.81 21.18 1.26
C ARG B 13 -2.05 19.68 1.55
N LEU B 14 -2.34 18.91 0.50
CA LEU B 14 -2.57 17.47 0.68
C LEU B 14 -1.27 16.78 1.10
N ALA B 15 -0.16 17.24 0.55
CA ALA B 15 1.15 16.71 0.90
C ALA B 15 1.46 16.95 2.38
N ARG B 16 1.15 18.16 2.85
CA ARG B 16 1.40 18.53 4.23
C ARG B 16 0.65 17.60 5.16
N GLU B 17 -0.65 17.45 4.91
CA GLU B 17 -1.48 16.55 5.70
C GLU B 17 -0.99 15.09 5.61
N LEU B 18 -0.67 14.63 4.39
CA LEU B 18 -0.25 13.25 4.23
C LEU B 18 1.07 13.02 4.96
N GLY B 19 1.92 14.04 4.93
CA GLY B 19 3.19 14.00 5.62
C GLY B 19 3.00 14.00 7.13
N GLY B 20 1.98 14.73 7.59
CA GLY B 20 1.66 14.75 9.01
C GLY B 20 1.17 13.40 9.48
N TYR B 21 0.49 12.69 8.58
CA TYR B 21 -0.07 11.38 8.89
C TYR B 21 0.99 10.26 8.89
N ARG B 22 1.96 10.38 7.98
CA ARG B 22 3.13 9.51 8.03
C ARG B 22 3.97 9.94 9.20
N HIS B 23 4.88 9.07 9.64
CA HIS B 23 5.91 9.54 10.54
C HIS B 23 6.91 10.35 9.71
N PRO B 24 6.96 11.66 9.95
CA PRO B 24 7.66 12.69 9.16
C PRO B 24 9.17 12.51 9.10
N TRP B 25 9.72 11.66 9.96
CA TRP B 25 11.15 11.41 9.96
C TRP B 25 11.50 10.17 9.15
N ALA B 26 12.75 10.08 8.71
CA ALA B 26 13.23 8.93 7.98
C ALA B 26 13.60 7.81 8.94
N ARG B 27 13.41 6.56 8.50
CA ARG B 27 13.78 5.37 9.26
C ARG B 27 14.15 4.22 8.33
N VAL B 28 15.28 3.57 8.55
CA VAL B 28 15.57 2.32 7.86
C VAL B 28 15.55 1.16 8.86
N LEU B 29 15.06 0.02 8.41
CA LEU B 29 14.88 -1.13 9.29
C LEU B 29 16.04 -2.06 9.11
N SER B 30 16.46 -2.71 10.19
CA SER B 30 17.50 -3.73 10.10
C SER B 30 16.90 -5.13 10.08
N GLY B 31 15.59 -5.21 10.27
CA GLY B 31 14.87 -6.48 10.14
C GLY B 31 13.63 -6.29 9.30
N PRO B 32 12.74 -7.31 9.24
CA PRO B 32 11.51 -7.29 8.44
C PRO B 32 10.50 -6.24 8.92
N ASP B 33 9.74 -5.72 7.97
CA ASP B 33 8.65 -4.81 8.29
C ASP B 33 7.81 -5.41 9.41
N PRO B 34 7.67 -4.68 10.53
CA PRO B 34 6.98 -5.19 11.71
C PRO B 34 5.47 -5.32 11.53
N GLU B 35 4.94 -4.90 10.39
CA GLU B 35 3.51 -5.01 10.13
C GLU B 35 3.23 -6.08 9.10
N LEU B 36 4.28 -6.85 8.78
CA LEU B 36 4.16 -7.91 7.80
C LEU B 36 3.09 -8.92 8.20
N THR B 37 2.99 -9.21 9.49
CA THR B 37 2.08 -10.26 9.96
C THR B 37 0.61 -9.78 9.91
N PHE B 38 0.42 -8.51 10.25
CA PHE B 38 -0.88 -7.85 10.07
C PHE B 38 -1.36 -8.00 8.60
N ASP B 39 -0.47 -7.75 7.64
CA ASP B 39 -0.87 -7.79 6.23
C ASP B 39 -1.29 -9.19 5.87
N LEU B 40 -0.50 -10.15 6.34
CA LEU B 40 -0.80 -11.56 6.13
C LEU B 40 -2.14 -11.95 6.75
N TRP B 41 -2.35 -11.62 8.03
CA TRP B 41 -3.61 -11.98 8.68
C TRP B 41 -4.81 -11.32 7.98
N LEU B 42 -4.62 -10.10 7.52
CA LEU B 42 -5.72 -9.37 6.89
C LEU B 42 -6.06 -10.09 5.57
N SER B 43 -5.04 -10.43 4.79
CA SER B 43 -5.27 -11.07 3.51
C SER B 43 -6.06 -12.37 3.72
N ARG B 44 -5.69 -13.13 4.75
CA ARG B 44 -6.36 -14.39 5.05
C ARG B 44 -7.84 -14.21 5.39
N LEU B 45 -8.17 -13.09 6.02
CA LEU B 45 -9.53 -12.83 6.49
C LEU B 45 -10.48 -12.38 5.37
N LEU B 46 -9.92 -11.96 4.25
CA LEU B 46 -10.72 -11.33 3.20
C LEU B 46 -11.26 -12.33 2.20
N THR B 47 -12.60 -12.37 2.05
CA THR B 47 -13.25 -13.17 1.02
C THR B 47 -14.23 -12.32 0.20
N PRO B 48 -14.68 -12.84 -0.95
CA PRO B 48 -15.62 -12.07 -1.79
C PRO B 48 -16.95 -11.82 -1.09
N GLN B 49 -17.20 -12.49 0.04
CA GLN B 49 -18.41 -12.21 0.80
C GLN B 49 -18.19 -11.26 1.98
N THR B 50 -16.94 -10.87 2.22
CA THR B 50 -16.60 -10.12 3.45
C THR B 50 -16.90 -8.63 3.34
N ARG B 51 -17.78 -8.12 4.22
CA ARG B 51 -18.03 -6.68 4.30
C ARG B 51 -17.16 -6.08 5.40
N VAL B 52 -16.38 -5.08 5.03
CA VAL B 52 -15.31 -4.57 5.87
C VAL B 52 -15.59 -3.13 6.28
N LEU B 53 -15.34 -2.81 7.55
CA LEU B 53 -15.26 -1.43 8.03
C LEU B 53 -13.85 -1.16 8.53
N GLU B 54 -13.19 -0.15 7.94
CA GLU B 54 -11.85 0.26 8.37
C GLU B 54 -11.88 1.53 9.20
N ALA B 55 -11.32 1.48 10.41
CA ALA B 55 -11.27 2.67 11.26
C ALA B 55 -10.00 3.47 11.02
N GLY B 56 -10.15 4.75 10.70
CA GLY B 56 -9.02 5.63 10.46
C GLY B 56 -8.25 5.30 9.19
N CYS B 57 -8.91 5.38 8.02
CA CYS B 57 -8.34 4.96 6.75
C CYS B 57 -7.21 5.87 6.24
N GLY B 58 -7.08 7.06 6.82
CA GLY B 58 -6.07 8.00 6.35
C GLY B 58 -6.31 8.28 4.87
N HIS B 59 -5.26 8.21 4.06
CA HIS B 59 -5.41 8.53 2.64
C HIS B 59 -5.87 7.33 1.81
N GLY B 60 -6.37 6.30 2.50
CA GLY B 60 -6.93 5.12 1.84
C GLY B 60 -6.00 4.01 1.32
N PRO B 61 -4.80 3.88 1.91
CA PRO B 61 -3.89 2.90 1.28
C PRO B 61 -4.41 1.46 1.38
N ASP B 62 -5.04 1.10 2.49
CA ASP B 62 -5.54 -0.27 2.61
C ASP B 62 -6.85 -0.42 1.84
N ALA B 63 -7.64 0.65 1.81
CA ALA B 63 -8.88 0.65 1.04
C ALA B 63 -8.55 0.32 -0.42
N ALA B 64 -7.49 0.93 -0.95
CA ALA B 64 -7.14 0.76 -2.37
C ALA B 64 -6.45 -0.57 -2.64
N ARG B 65 -5.64 -1.00 -1.69
CA ARG B 65 -4.86 -2.21 -1.85
C ARG B 65 -5.74 -3.42 -1.65
N PHE B 66 -6.51 -3.44 -0.56
CA PHE B 66 -7.29 -4.62 -0.18
C PHE B 66 -8.75 -4.57 -0.62
N GLY B 67 -9.24 -3.38 -0.93
CA GLY B 67 -10.63 -3.22 -1.32
C GLY B 67 -11.21 -4.30 -2.23
N PRO B 68 -10.57 -4.55 -3.38
CA PRO B 68 -11.12 -5.52 -4.34
C PRO B 68 -11.18 -6.95 -3.80
N GLN B 69 -10.47 -7.24 -2.71
CA GLN B 69 -10.45 -8.58 -2.16
C GLN B 69 -11.70 -8.81 -1.33
N ALA B 70 -12.44 -7.73 -1.05
CA ALA B 70 -13.64 -7.81 -0.21
C ALA B 70 -14.94 -7.60 -0.99
N ALA B 71 -16.07 -8.04 -0.44
CA ALA B 71 -17.37 -7.69 -1.06
C ALA B 71 -17.61 -6.19 -1.01
N ARG B 72 -17.09 -5.56 0.04
CA ARG B 72 -17.30 -4.13 0.25
C ARG B 72 -16.32 -3.57 1.27
N TRP B 73 -15.85 -2.35 1.03
CA TRP B 73 -14.93 -1.73 1.96
C TRP B 73 -15.48 -0.39 2.40
N ALA B 74 -15.97 -0.31 3.63
CA ALA B 74 -16.33 0.98 4.22
C ALA B 74 -15.16 1.46 5.07
N ALA B 75 -14.92 2.76 5.07
CA ALA B 75 -13.73 3.30 5.71
C ALA B 75 -14.06 4.67 6.27
N TYR B 76 -13.44 5.03 7.39
CA TYR B 76 -13.61 6.38 7.90
C TYR B 76 -12.35 7.02 8.41
N ASP B 77 -12.36 8.36 8.42
CA ASP B 77 -11.29 9.17 8.97
C ASP B 77 -11.87 10.53 9.33
N PHE B 78 -11.24 11.25 10.26
CA PHE B 78 -11.76 12.54 10.72
C PHE B 78 -11.05 13.74 10.09
N SER B 79 -10.09 13.47 9.22
CA SER B 79 -9.33 14.51 8.53
C SER B 79 -9.85 14.78 7.12
N PRO B 80 -10.45 15.96 6.90
CA PRO B 80 -11.00 16.31 5.59
C PRO B 80 -9.98 16.19 4.48
N GLU B 81 -8.73 16.52 4.76
CA GLU B 81 -7.69 16.47 3.73
C GLU B 81 -7.32 15.02 3.40
N LEU B 82 -7.14 14.21 4.43
CA LEU B 82 -6.81 12.83 4.18
C LEU B 82 -7.95 12.21 3.38
N LEU B 83 -9.18 12.62 3.70
CA LEU B 83 -10.36 12.10 3.05
C LEU B 83 -10.43 12.49 1.59
N LYS B 84 -9.96 13.68 1.25
CA LYS B 84 -9.84 14.06 -0.16
C LYS B 84 -8.95 13.04 -0.88
N LEU B 85 -7.82 12.71 -0.28
CA LEU B 85 -6.92 11.74 -0.90
C LEU B 85 -7.57 10.38 -0.96
N ALA B 86 -8.24 9.98 0.12
CA ALA B 86 -8.81 8.64 0.20
C ALA B 86 -9.89 8.42 -0.85
N ARG B 87 -10.71 9.44 -1.10
CA ARG B 87 -11.80 9.31 -2.05
C ARG B 87 -11.25 9.15 -3.44
N ALA B 88 -10.16 9.86 -3.71
CA ALA B 88 -9.45 9.78 -4.98
C ALA B 88 -8.67 8.48 -5.12
N ASN B 89 -8.04 8.05 -4.02
CA ASN B 89 -7.16 6.88 -4.00
C ASN B 89 -7.96 5.58 -4.09
N ALA B 90 -9.13 5.57 -3.47
CA ALA B 90 -10.01 4.40 -3.45
C ALA B 90 -11.43 4.85 -3.75
N PRO B 91 -11.71 5.18 -5.01
CA PRO B 91 -13.02 5.74 -5.39
C PRO B 91 -14.16 4.75 -5.19
N HIS B 92 -13.84 3.46 -5.04
CA HIS B 92 -14.85 2.42 -4.93
C HIS B 92 -15.15 2.03 -3.49
N ALA B 93 -14.33 2.51 -2.56
CA ALA B 93 -14.65 2.31 -1.14
C ALA B 93 -15.74 3.29 -0.78
N ASP B 94 -16.50 2.97 0.25
CA ASP B 94 -17.43 3.95 0.82
C ASP B 94 -16.72 4.62 1.99
N VAL B 95 -16.59 5.94 1.90
CA VAL B 95 -15.71 6.69 2.79
C VAL B 95 -16.48 7.74 3.55
N TYR B 96 -16.29 7.78 4.86
CA TYR B 96 -17.10 8.64 5.72
C TYR B 96 -16.22 9.52 6.56
N GLU B 97 -16.66 10.75 6.76
CA GLU B 97 -15.98 11.67 7.64
C GLU B 97 -16.46 11.42 9.06
N TRP B 98 -15.74 10.56 9.79
CA TRP B 98 -16.22 10.06 11.08
C TRP B 98 -15.02 9.60 11.93
N ASN B 99 -15.23 9.47 13.23
CA ASN B 99 -14.18 9.00 14.15
C ASN B 99 -14.64 7.82 15.03
N GLY B 100 -15.74 7.19 14.62
CA GLY B 100 -16.28 6.05 15.35
C GLY B 100 -17.16 6.42 16.55
N LYS B 101 -17.43 7.70 16.75
CA LYS B 101 -18.16 8.18 17.93
C LYS B 101 -19.52 8.78 17.60
N GLY B 102 -20.48 8.63 18.51
CA GLY B 102 -21.82 9.15 18.31
C GLY B 102 -22.59 8.37 17.26
N GLU B 103 -23.64 8.99 16.71
CA GLU B 103 -24.47 8.32 15.72
C GLU B 103 -23.64 7.72 14.59
N LEU B 104 -24.10 6.58 14.09
CA LEU B 104 -23.55 5.95 12.89
C LEU B 104 -23.83 6.78 11.65
N PRO B 105 -22.81 7.04 10.84
CA PRO B 105 -23.12 7.77 9.61
C PRO B 105 -24.29 7.14 8.86
N ALA B 106 -25.08 7.96 8.19
CA ALA B 106 -26.17 7.43 7.40
C ALA B 106 -25.57 6.62 6.26
N GLY B 107 -26.13 5.44 6.06
CA GLY B 107 -25.67 4.57 4.99
C GLY B 107 -24.41 3.80 5.32
N LEU B 108 -23.92 3.90 6.56
CA LEU B 108 -22.71 3.17 6.97
C LEU B 108 -22.70 1.73 6.48
N GLY B 109 -23.84 1.05 6.63
CA GLY B 109 -23.98 -0.30 6.10
C GLY B 109 -23.60 -1.46 7.02
N ALA B 110 -23.81 -1.29 8.32
CA ALA B 110 -23.63 -2.39 9.26
C ALA B 110 -24.71 -3.43 9.00
N PRO B 111 -24.47 -4.70 9.36
CA PRO B 111 -23.29 -5.24 10.04
C PRO B 111 -22.13 -5.63 9.10
N PHE B 112 -20.96 -5.80 9.71
CA PHE B 112 -19.71 -6.05 9.00
C PHE B 112 -19.14 -7.36 9.44
N GLY B 113 -18.49 -8.06 8.52
CA GLY B 113 -17.84 -9.31 8.84
C GLY B 113 -16.42 -9.11 9.36
N LEU B 114 -15.83 -7.95 9.05
CA LEU B 114 -14.49 -7.61 9.52
C LEU B 114 -14.38 -6.14 9.88
N ILE B 115 -13.90 -5.86 11.07
CA ILE B 115 -13.61 -4.49 11.46
C ILE B 115 -12.09 -4.42 11.62
N VAL B 116 -11.44 -3.55 10.86
CA VAL B 116 -9.99 -3.51 10.85
C VAL B 116 -9.45 -2.10 11.10
N SER B 117 -8.27 -2.03 11.69
CA SER B 117 -7.64 -0.74 11.91
C SER B 117 -6.11 -0.87 11.95
N ARG B 118 -5.44 -0.20 11.01
CA ARG B 118 -3.99 -0.15 11.02
C ARG B 118 -3.59 1.11 11.77
N ARG B 119 -3.31 0.93 13.07
CA ARG B 119 -2.91 2.04 13.93
C ARG B 119 -3.95 3.16 13.97
N GLY B 120 -5.22 2.82 13.83
CA GLY B 120 -6.29 3.80 13.89
C GLY B 120 -6.85 3.92 15.29
N PRO B 121 -8.01 4.60 15.45
CA PRO B 121 -8.59 4.85 16.78
C PRO B 121 -9.23 3.59 17.37
N THR B 122 -8.86 3.25 18.59
CA THR B 122 -9.34 2.02 19.24
C THR B 122 -10.77 2.14 19.75
N SER B 123 -11.31 3.35 19.76
CA SER B 123 -12.66 3.58 20.29
C SER B 123 -13.68 2.71 19.54
N VAL B 124 -13.35 2.35 18.30
CA VAL B 124 -14.28 1.56 17.49
C VAL B 124 -14.67 0.26 18.21
N ILE B 125 -13.76 -0.26 19.03
CA ILE B 125 -14.00 -1.53 19.72
C ILE B 125 -15.29 -1.49 20.54
N LEU B 126 -15.57 -0.35 21.14
CA LEU B 126 -16.75 -0.19 21.99
C LEU B 126 -18.02 -0.28 21.17
N ARG B 127 -17.92 -0.04 19.87
CA ARG B 127 -19.07 -0.11 18.99
C ARG B 127 -19.21 -1.50 18.37
N LEU B 128 -18.31 -2.42 18.69
CA LEU B 128 -18.35 -3.72 18.01
C LEU B 128 -19.72 -4.41 18.06
N PRO B 129 -20.40 -4.40 19.22
CA PRO B 129 -21.73 -5.01 19.29
C PRO B 129 -22.77 -4.38 18.36
N GLU B 130 -22.62 -3.10 18.03
CA GLU B 130 -23.50 -2.47 17.04
C GLU B 130 -23.10 -2.80 15.61
N LEU B 131 -21.80 -2.90 15.38
CA LEU B 131 -21.27 -2.95 14.03
C LEU B 131 -21.04 -4.35 13.45
N ALA B 132 -20.79 -5.33 14.32
CA ALA B 132 -20.31 -6.64 13.85
C ALA B 132 -21.42 -7.65 13.58
N ALA B 133 -21.34 -8.31 12.44
CA ALA B 133 -22.16 -9.48 12.17
C ALA B 133 -21.77 -10.57 13.17
N PRO B 134 -22.56 -11.64 13.24
CA PRO B 134 -22.11 -12.78 14.04
C PRO B 134 -20.89 -13.41 13.39
N ASP B 135 -19.89 -13.79 14.18
CA ASP B 135 -18.69 -14.44 13.66
C ASP B 135 -17.73 -13.48 12.99
N ALA B 136 -17.96 -12.19 13.16
CA ALA B 136 -17.06 -11.21 12.59
C ALA B 136 -15.74 -11.27 13.34
N HIS B 137 -14.69 -10.74 12.73
CA HIS B 137 -13.39 -10.56 13.40
C HIS B 137 -13.09 -9.07 13.56
N PHE B 138 -12.27 -8.76 14.55
CA PHE B 138 -11.69 -7.44 14.71
C PHE B 138 -10.19 -7.61 14.59
N LEU B 139 -9.57 -6.86 13.69
CA LEU B 139 -8.15 -7.00 13.45
C LEU B 139 -7.50 -5.67 13.68
N TYR B 140 -6.47 -5.63 14.52
CA TYR B 140 -5.80 -4.39 14.89
C TYR B 140 -4.29 -4.55 14.95
N VAL B 141 -3.56 -3.53 14.50
CA VAL B 141 -2.14 -3.38 14.84
C VAL B 141 -1.88 -1.97 15.37
N GLY B 142 -1.32 -1.89 16.58
CA GLY B 142 -1.02 -0.60 17.20
C GLY B 142 0.45 -0.22 17.05
N PRO B 143 0.78 1.07 17.29
CA PRO B 143 2.08 1.67 16.99
C PRO B 143 3.16 1.48 18.05
N ARG B 144 2.89 0.67 19.06
CA ARG B 144 3.88 0.41 20.10
C ARG B 144 3.81 -1.06 20.54
N LEU B 145 4.71 -1.50 21.40
CA LEU B 145 4.83 -2.94 21.69
C LEU B 145 3.55 -3.48 22.32
N ASN B 146 2.88 -2.60 23.05
CA ASN B 146 1.72 -2.98 23.85
C ASN B 146 0.76 -1.83 23.94
N VAL B 147 -0.48 -2.06 23.51
CA VAL B 147 -1.54 -1.06 23.64
C VAL B 147 -2.63 -1.64 24.56
N PRO B 148 -2.50 -1.42 25.89
CA PRO B 148 -3.40 -2.06 26.86
C PRO B 148 -4.88 -1.74 26.66
N GLU B 149 -5.23 -0.58 26.09
CA GLU B 149 -6.63 -0.23 25.93
C GLU B 149 -7.36 -1.24 25.06
N VAL B 150 -6.65 -1.83 24.09
CA VAL B 150 -7.27 -2.77 23.16
C VAL B 150 -7.82 -4.02 23.84
N PRO B 151 -6.96 -4.77 24.56
CA PRO B 151 -7.46 -5.91 25.35
C PRO B 151 -8.52 -5.51 26.37
N GLU B 152 -8.40 -4.31 26.95
CA GLU B 152 -9.36 -3.81 27.93
C GLU B 152 -10.73 -3.59 27.30
N ARG B 153 -10.74 -2.89 26.16
CA ARG B 153 -12.00 -2.59 25.50
C ARG B 153 -12.63 -3.85 24.92
N LEU B 154 -11.82 -4.78 24.44
CA LEU B 154 -12.35 -6.03 23.92
C LEU B 154 -13.01 -6.82 25.05
N ALA B 155 -12.41 -6.78 26.24
CA ALA B 155 -13.00 -7.49 27.37
C ALA B 155 -14.31 -6.78 27.76
N ALA B 156 -14.32 -5.46 27.64
CA ALA B 156 -15.51 -4.68 28.01
C ALA B 156 -16.74 -5.06 27.16
N VAL B 157 -16.53 -5.43 25.90
CA VAL B 157 -17.66 -5.81 25.04
C VAL B 157 -17.82 -7.32 24.91
N GLY B 158 -17.09 -8.08 25.72
CA GLY B 158 -17.20 -9.53 25.71
C GLY B 158 -16.66 -10.22 24.47
N TRP B 159 -15.60 -9.67 23.87
CA TRP B 159 -14.94 -10.33 22.75
C TRP B 159 -13.70 -11.07 23.24
N ASP B 160 -13.28 -12.08 22.48
CA ASP B 160 -12.14 -12.92 22.80
C ASP B 160 -10.97 -12.69 21.86
N ILE B 161 -9.77 -12.55 22.41
CA ILE B 161 -8.55 -12.50 21.63
C ILE B 161 -8.31 -13.91 21.09
N VAL B 162 -8.16 -14.06 19.79
CA VAL B 162 -7.81 -15.38 19.25
C VAL B 162 -6.35 -15.46 18.82
N ALA B 163 -5.74 -14.31 18.52
CA ALA B 163 -4.31 -14.26 18.29
C ALA B 163 -3.78 -12.88 18.62
N GLU B 164 -2.52 -12.85 19.04
CA GLU B 164 -1.91 -11.62 19.55
C GLU B 164 -0.40 -11.76 19.33
N ASP B 165 0.23 -10.70 18.82
CA ASP B 165 1.67 -10.67 18.56
C ASP B 165 2.22 -9.38 19.10
N HIS B 166 3.34 -9.47 19.82
CA HIS B 166 4.09 -8.29 20.21
C HIS B 166 5.39 -8.30 19.43
N VAL B 167 5.56 -7.32 18.54
CA VAL B 167 6.63 -7.33 17.54
C VAL B 167 7.63 -6.21 17.77
N SER B 168 8.92 -6.51 17.61
CA SER B 168 9.93 -5.49 17.82
C SER B 168 11.01 -5.63 16.77
N VAL B 169 11.33 -4.53 16.10
CA VAL B 169 12.33 -4.60 15.05
C VAL B 169 13.33 -3.46 15.17
N LEU B 170 14.61 -3.77 15.01
CA LEU B 170 15.66 -2.78 15.15
C LEU B 170 15.56 -1.79 14.01
N ALA B 171 15.55 -0.50 14.33
CA ALA B 171 15.55 0.55 13.30
C ALA B 171 16.60 1.61 13.60
N HIS B 172 16.87 2.46 12.61
CA HIS B 172 17.73 3.63 12.80
C HIS B 172 17.13 4.89 12.19
N ALA B 173 17.27 6.00 12.91
CA ALA B 173 17.11 7.32 12.32
C ALA B 173 18.47 7.74 11.77
N PRO B 174 18.60 7.82 10.43
CA PRO B 174 19.90 7.96 9.75
C PRO B 174 20.61 9.30 9.98
N THR B 175 19.89 10.35 10.35
CA THR B 175 20.52 11.65 10.63
C THR B 175 19.99 12.31 11.90
N TRP B 176 20.78 13.22 12.46
CA TRP B 176 20.40 13.95 13.67
C TRP B 176 19.01 14.59 13.55
N GLU B 177 18.75 15.24 12.42
CA GLU B 177 17.43 15.81 12.20
C GLU B 177 16.36 14.74 12.40
N ASP B 178 16.55 13.61 11.71
CA ASP B 178 15.60 12.52 11.80
C ASP B 178 15.34 12.15 13.25
N TRP B 179 16.39 11.93 14.02
CA TRP B 179 16.23 11.56 15.42
C TRP B 179 15.50 12.68 16.13
N GLN B 180 15.91 13.90 15.83
CA GLN B 180 15.33 15.10 16.40
C GLN B 180 13.82 15.11 16.23
N MSE B 181 13.38 14.99 14.99
CA MSE B 181 11.95 15.01 14.70
C MSE B 181 11.21 13.92 15.46
O MSE B 181 10.07 14.11 15.88
CB MSE B 181 11.69 14.84 13.20
CG MSE B 181 12.29 15.92 12.33
SE MSE B 181 11.61 15.76 10.50
CE MSE B 181 13.28 16.06 9.53
N ARG B 182 11.86 12.77 15.65
CA ARG B 182 11.22 11.69 16.38
C ARG B 182 10.99 12.06 17.84
N GLY B 183 12.06 12.50 18.51
CA GLY B 183 11.96 12.96 19.89
C GLY B 183 10.87 14.00 20.11
N GLU B 184 10.68 14.87 19.11
CA GLU B 184 9.66 15.90 19.19
C GLU B 184 8.25 15.30 19.18
N PHE B 185 7.98 14.43 18.21
CA PHE B 185 6.67 13.79 18.14
C PHE B 185 6.41 12.92 19.36
N MSE B 186 7.30 11.96 19.60
CA MSE B 186 7.19 11.09 20.75
C MSE B 186 6.77 11.87 21.99
O MSE B 186 5.96 11.41 22.78
CB MSE B 186 8.54 10.39 21.02
CG MSE B 186 8.99 9.46 19.91
SE MSE B 186 7.84 7.90 19.72
CE MSE B 186 8.23 7.03 21.42
N GLY B 187 7.32 13.07 22.12
CA GLY B 187 7.08 13.90 23.29
C GLY B 187 8.26 13.79 24.23
N LYS B 188 9.42 13.44 23.66
CA LYS B 188 10.63 13.24 24.44
C LYS B 188 11.84 13.78 23.69
N LEU B 189 12.01 15.11 23.71
CA LEU B 189 13.10 15.76 23.00
C LEU B 189 14.42 15.02 23.17
N ALA B 190 15.24 15.03 22.11
CA ALA B 190 16.49 14.29 22.10
C ALA B 190 17.70 15.12 22.53
N ARG B 191 18.55 14.54 23.38
CA ARG B 191 19.77 15.20 23.84
C ARG B 191 20.87 15.09 22.79
N ARG B 192 21.38 16.23 22.33
CA ARG B 192 22.40 16.25 21.27
C ARG B 192 23.64 15.44 21.68
N ALA B 193 23.86 15.29 22.97
CA ALA B 193 25.00 14.51 23.46
C ALA B 193 24.65 13.03 23.46
N ASP B 194 23.39 12.73 23.72
CA ASP B 194 22.90 11.36 23.70
C ASP B 194 23.10 10.73 22.31
N TRP B 195 23.13 11.58 21.30
CA TRP B 195 23.38 11.16 19.93
C TRP B 195 24.79 10.60 19.78
N ASP B 196 25.77 11.32 20.34
CA ASP B 196 27.16 10.91 20.23
C ASP B 196 27.51 9.73 21.14
N ALA B 197 26.62 9.44 22.08
CA ALA B 197 26.86 8.35 23.03
C ALA B 197 26.31 7.02 22.53
N GLU B 198 25.60 7.04 21.40
CA GLU B 198 24.97 5.82 20.90
C GLU B 198 24.92 5.72 19.38
N ALA B 199 24.74 6.85 18.70
CA ALA B 199 24.64 6.85 17.24
C ALA B 199 25.84 6.17 16.60
N THR B 200 25.58 5.21 15.72
CA THR B 200 26.63 4.51 15.02
C THR B 200 26.73 5.00 13.59
N VAL B 201 27.48 4.30 12.76
CA VAL B 201 27.60 4.68 11.34
C VAL B 201 26.22 4.60 10.66
N ARG B 202 25.35 3.73 11.19
CA ARG B 202 24.00 3.55 10.66
C ARG B 202 23.04 4.66 11.10
N GLY B 203 23.45 5.41 12.13
CA GLY B 203 22.59 6.42 12.74
C GLY B 203 22.21 6.04 14.16
N MSE B 204 21.10 6.58 14.64
CA MSE B 204 20.65 6.30 16.01
C MSE B 204 19.71 5.09 16.06
O MSE B 204 18.65 5.08 15.41
CB MSE B 204 19.91 7.52 16.57
CG MSE B 204 19.48 7.37 18.02
SE MSE B 204 20.97 7.49 19.28
CE MSE B 204 20.05 6.68 20.81
N PRO B 205 20.09 4.06 16.82
CA PRO B 205 19.32 2.81 16.92
C PRO B 205 18.07 2.99 17.79
N TYR B 206 16.98 2.32 17.41
CA TYR B 206 15.80 2.26 18.24
C TYR B 206 14.94 1.08 17.76
N ARG B 207 13.83 0.82 18.44
CA ARG B 207 12.97 -0.30 18.08
C ARG B 207 11.66 0.21 17.50
N GLU B 208 11.32 -0.26 16.31
CA GLU B 208 9.98 -0.08 15.79
C GLU B 208 9.14 -1.22 16.34
N GLU B 209 8.10 -0.89 17.09
CA GLU B 209 7.33 -1.92 17.79
C GLU B 209 5.83 -1.87 17.50
N ARG B 210 5.19 -3.03 17.51
CA ARG B 210 3.79 -3.13 17.16
C ARG B 210 3.09 -4.14 18.04
N HIS B 211 1.80 -3.91 18.27
CA HIS B 211 0.94 -4.82 19.00
C HIS B 211 -0.17 -5.25 18.06
N LEU B 212 -0.15 -6.51 17.67
CA LEU B 212 -1.10 -7.05 16.72
C LEU B 212 -2.16 -7.84 17.50
N VAL B 213 -3.44 -7.60 17.20
CA VAL B 213 -4.53 -8.28 17.91
C VAL B 213 -5.61 -8.74 16.96
N LEU B 214 -5.99 -10.01 17.06
CA LEU B 214 -7.11 -10.55 16.31
C LEU B 214 -8.13 -11.07 17.30
N ALA B 215 -9.37 -10.57 17.21
CA ALA B 215 -10.42 -10.99 18.15
C ALA B 215 -11.71 -11.33 17.44
N ARG B 216 -12.56 -12.04 18.16
CA ARG B 216 -13.89 -12.35 17.69
C ARG B 216 -14.69 -12.75 18.93
N GLN B 217 -16.01 -12.70 18.83
CA GLN B 217 -16.83 -13.15 19.94
C GLN B 217 -17.15 -14.62 19.74
N LEU B 218 -16.42 -15.48 20.43
CA LEU B 218 -16.62 -16.92 20.30
C LEU B 218 -17.93 -17.27 20.98
N GLY B 219 -18.25 -16.46 21.98
CA GLY B 219 -19.39 -16.67 22.86
C GLY B 219 -19.07 -16.04 24.19
CL CL C . -1.92 4.16 -1.51
S SO4 D . 11.53 15.27 -17.46
O1 SO4 D . 10.25 14.84 -16.90
O2 SO4 D . 12.18 16.16 -16.49
O3 SO4 D . 12.40 14.13 -17.71
O4 SO4 D . 11.28 15.97 -18.72
S SO4 E . -14.66 -15.43 -17.96
O1 SO4 E . -13.38 -15.96 -17.48
O2 SO4 E . -15.43 -14.91 -16.84
O3 SO4 E . -14.42 -14.36 -18.93
O4 SO4 E . -15.42 -16.50 -18.60
S SO4 F . -2.09 -0.13 -15.66
O1 SO4 F . -2.27 -1.17 -14.67
O2 SO4 F . -2.92 1.03 -15.31
O3 SO4 F . -0.68 0.25 -15.71
O4 SO4 F . -2.49 -0.62 -16.98
S SO4 G . 7.87 2.70 -21.19
O1 SO4 G . 7.53 1.29 -21.13
O2 SO4 G . 6.71 3.51 -20.82
O3 SO4 G . 8.95 3.01 -20.26
O4 SO4 G . 8.29 3.02 -22.55
S SO4 H . 14.06 16.21 -9.51
O1 SO4 H . 15.01 15.91 -8.43
O2 SO4 H . 14.14 17.63 -9.86
O3 SO4 H . 14.40 15.41 -10.69
O4 SO4 H . 12.70 15.92 -9.07
S SO4 I . -7.41 -5.81 -8.91
O1 SO4 I . -6.42 -5.38 -7.92
O2 SO4 I . -7.37 -4.94 -10.09
O3 SO4 I . -7.12 -7.17 -9.32
O4 SO4 I . -8.75 -5.73 -8.33
S SO4 J . 22.97 -3.34 -3.70
O1 SO4 J . 22.44 -4.66 -3.35
O2 SO4 J . 23.93 -2.89 -2.70
O3 SO4 J . 23.64 -3.39 -5.01
O4 SO4 J . 21.87 -2.39 -3.74
C1 GOL K . -8.85 -7.40 -18.06
O1 GOL K . -9.49 -6.32 -17.42
C2 GOL K . -7.33 -7.26 -17.96
O2 GOL K . -6.68 -8.21 -18.78
C3 GOL K . -6.94 -7.39 -16.49
O3 GOL K . -5.56 -7.65 -16.35
C1 GOL L . -1.03 0.08 -4.67
O1 GOL L . -2.44 0.00 -4.61
C2 GOL L . -0.39 -1.13 -3.97
O2 GOL L . -0.81 -2.33 -4.60
C3 GOL L . 1.13 -0.99 -3.99
O3 GOL L . 1.68 -1.06 -2.69
CL CL M . 0.40 4.85 0.37
S SO4 N . -10.71 7.62 23.20
O1 SO4 N . -11.97 7.08 23.72
O2 SO4 N . -10.06 8.38 24.26
O3 SO4 N . -9.85 6.53 22.77
O4 SO4 N . -10.99 8.48 22.05
S SO4 O . 5.47 -0.16 25.44
O1 SO4 O . 6.05 -1.40 25.97
O2 SO4 O . 5.03 0.70 26.53
O3 SO4 O . 6.48 0.56 24.66
O4 SO4 O . 4.32 -0.46 24.59
S SO4 P . 17.97 -0.50 21.15
O1 SO4 P . 17.93 -1.80 21.80
O2 SO4 P . 17.74 0.56 22.13
O3 SO4 P . 19.28 -0.30 20.53
O4 SO4 P . 16.94 -0.45 20.11
C1 GOL Q . 0.31 1.68 5.70
O1 GOL Q . -0.09 3.03 5.96
C2 GOL Q . 0.39 1.38 4.21
O2 GOL Q . 1.63 1.91 3.72
C3 GOL Q . 0.32 -0.14 3.98
O3 GOL Q . -0.78 -0.54 3.15
C1 GOL R . 7.82 1.12 21.33
O1 GOL R . 6.87 0.25 21.93
C2 GOL R . 7.25 2.03 20.22
O2 GOL R . 7.43 3.37 20.62
C3 GOL R . 8.04 1.83 18.91
O3 GOL R . 7.22 1.92 17.74
C1 GOL S . -10.51 -17.69 10.33
O1 GOL S . -11.62 -17.37 9.53
C2 GOL S . -9.21 -17.44 9.57
O2 GOL S . -9.41 -16.47 8.54
C3 GOL S . -8.13 -16.97 10.54
O3 GOL S . -7.47 -18.12 11.03
#